data_6E12
#
_entry.id   6E12
#
_cell.length_a   113.308
_cell.length_b   112.918
_cell.length_c   167.766
_cell.angle_alpha   90.00
_cell.angle_beta   90.00
_cell.angle_gamma   90.00
#
_symmetry.space_group_name_H-M   'I 2 2 2'
#
loop_
_entity.id
_entity.type
_entity.pdbx_description
1 polymer 'Alr8543 protein'
2 non-polymer 'OLEIC ACID'
3 non-polymer 'MAGNESIUM ION'
4 non-polymer 'CHLORIDE ION'
5 water water
#
_entity_poly.entity_id   1
_entity_poly.type   'polypeptide(L)'
_entity_poly.pdbx_seq_one_letter_code
;(MSE)IETITQSQETAILESFLELVKSPYGNFASIGKLSHVLNDPDTLQKVVAVLSLTPQGKQAFEDRP(MSE)LGKIDL
EQLHQLPNYTLGY(MSE)YADH(MSE)IRNQLTPPPVNENVNHPF(MSE)FLAAHLGETHDIWHVVTGCDTDKPGEVKLE
AFYTAQLIPDRLFLALLAKNLLKTA(MSE)YEVELCEQILDGLTQGW(MSE)(MSE)GKRAKPLFGIEWNKLWETPLEEL
QTSLNIVPILEHHHHHH
;
_entity_poly.pdbx_strand_id   A,B
#
# COMPACT_ATOMS: atom_id res chain seq x y z
N ILE A 2 -9.45 -10.07 18.03
CA ILE A 2 -10.11 -10.94 18.99
C ILE A 2 -11.27 -11.71 18.34
N GLU A 3 -11.94 -11.13 17.35
CA GLU A 3 -13.02 -11.85 16.69
C GLU A 3 -12.46 -12.86 15.69
N THR A 4 -13.29 -13.83 15.32
CA THR A 4 -12.87 -14.88 14.41
C THR A 4 -13.07 -14.47 12.96
N ILE A 5 -12.14 -14.84 12.12
CA ILE A 5 -12.40 -15.04 10.70
C ILE A 5 -12.36 -16.55 10.50
N THR A 6 -13.53 -17.16 10.28
CA THR A 6 -13.58 -18.60 10.17
C THR A 6 -12.91 -19.09 8.89
N GLN A 7 -12.65 -20.40 8.85
CA GLN A 7 -12.19 -21.06 7.64
C GLN A 7 -13.13 -20.76 6.48
N SER A 8 -14.43 -20.87 6.73
CA SER A 8 -15.40 -20.64 5.66
C SER A 8 -15.35 -19.18 5.20
N GLN A 9 -15.20 -18.24 6.12
CA GLN A 9 -15.09 -16.83 5.72
C GLN A 9 -13.82 -16.57 4.93
N GLU A 10 -12.71 -17.17 5.35
CA GLU A 10 -11.45 -16.98 4.64
C GLU A 10 -11.58 -17.48 3.19
N THR A 11 -12.19 -18.64 3.00
CA THR A 11 -12.35 -19.18 1.65
C THR A 11 -13.18 -18.23 0.77
N ALA A 12 -14.30 -17.74 1.30
CA ALA A 12 -15.16 -16.86 0.51
C ALA A 12 -14.50 -15.52 0.25
N ILE A 13 -13.73 -15.00 1.22
CA ILE A 13 -13.04 -13.75 0.99
C ILE A 13 -12.00 -13.89 -0.12
N LEU A 14 -11.25 -14.99 -0.13
CA LEU A 14 -10.19 -15.12 -1.13
C LEU A 14 -10.76 -15.31 -2.54
N GLU A 15 -11.86 -16.06 -2.66
CA GLU A 15 -12.50 -16.21 -3.96
C GLU A 15 -13.00 -14.89 -4.48
N SER A 16 -13.63 -14.10 -3.60
CA SER A 16 -14.09 -12.78 -3.99
C SER A 16 -12.92 -11.86 -4.36
N PHE A 17 -11.80 -11.98 -3.66
CA PHE A 17 -10.65 -11.13 -3.96
C PHE A 17 -10.05 -11.49 -5.31
N LEU A 18 -9.97 -12.79 -5.62
CA LEU A 18 -9.43 -13.23 -6.91
C LEU A 18 -10.27 -12.73 -8.08
N GLU A 19 -11.59 -12.68 -7.93
CA GLU A 19 -12.42 -12.15 -9.02
C GLU A 19 -12.18 -10.66 -9.21
N LEU A 20 -11.99 -9.92 -8.13
CA LEU A 20 -11.67 -8.51 -8.28
C LEU A 20 -10.33 -8.32 -8.98
N VAL A 21 -9.36 -9.21 -8.72
CA VAL A 21 -8.07 -9.09 -9.37
C VAL A 21 -8.20 -9.29 -10.88
N LYS A 22 -9.05 -10.24 -11.30
CA LYS A 22 -9.17 -10.57 -12.71
C LYS A 22 -10.14 -9.68 -13.48
N SER A 23 -10.85 -8.77 -12.81
CA SER A 23 -11.83 -7.90 -13.41
C SER A 23 -11.29 -6.46 -13.51
N PRO A 24 -11.84 -5.63 -14.40
CA PRO A 24 -11.38 -4.23 -14.47
C PRO A 24 -11.89 -3.40 -13.30
N TYR A 25 -11.26 -2.23 -13.13
CA TYR A 25 -11.68 -1.29 -12.11
C TYR A 25 -13.16 -0.94 -12.28
N GLY A 26 -13.80 -0.57 -11.17
CA GLY A 26 -15.16 -0.09 -11.23
C GLY A 26 -16.21 -1.17 -11.21
N ASN A 27 -15.85 -2.37 -10.76
CA ASN A 27 -16.79 -3.49 -10.69
C ASN A 27 -17.54 -3.41 -9.36
N PHE A 28 -18.54 -2.52 -9.33
CA PHE A 28 -19.25 -2.27 -8.08
C PHE A 28 -20.07 -3.48 -7.62
N ALA A 29 -20.44 -4.37 -8.55
CA ALA A 29 -21.06 -5.63 -8.14
C ALA A 29 -20.08 -6.48 -7.35
N SER A 30 -18.90 -6.75 -7.92
CA SER A 30 -17.96 -7.65 -7.25
C SER A 30 -17.38 -7.00 -6.01
N ILE A 31 -17.32 -5.66 -5.98
CA ILE A 31 -16.92 -4.97 -4.77
C ILE A 31 -17.96 -5.12 -3.67
N GLY A 32 -19.25 -5.12 -4.04
CA GLY A 32 -20.29 -5.42 -3.07
C GLY A 32 -20.19 -6.84 -2.54
N LYS A 33 -19.78 -7.78 -3.38
CA LYS A 33 -19.64 -9.17 -2.96
C LYS A 33 -18.45 -9.36 -2.02
N LEU A 34 -17.32 -8.70 -2.31
CA LEU A 34 -16.23 -8.67 -1.33
C LEU A 34 -16.69 -8.05 -0.02
N SER A 35 -17.42 -6.93 -0.10
CA SER A 35 -17.86 -6.23 1.10
C SER A 35 -18.70 -7.14 1.99
N HIS A 36 -19.65 -7.86 1.38
CA HIS A 36 -20.55 -8.73 2.11
C HIS A 36 -19.80 -9.79 2.91
N VAL A 37 -18.75 -10.39 2.32
CA VAL A 37 -18.04 -11.44 3.05
C VAL A 37 -16.93 -10.88 3.93
N LEU A 38 -16.39 -9.71 3.63
CA LEU A 38 -15.24 -9.23 4.37
C LEU A 38 -15.65 -8.35 5.55
N ASN A 39 -16.45 -7.30 5.29
CA ASN A 39 -17.10 -6.52 6.33
C ASN A 39 -18.32 -7.29 6.85
N ASP A 40 -18.07 -8.29 7.68
CA ASP A 40 -19.15 -9.04 8.28
C ASP A 40 -19.86 -8.18 9.32
N PRO A 41 -21.01 -8.61 9.83
CA PRO A 41 -21.72 -7.75 10.79
C PRO A 41 -20.92 -7.32 12.01
N ASP A 42 -20.03 -8.16 12.59
CA ASP A 42 -19.19 -7.68 13.69
C ASP A 42 -18.40 -6.44 13.29
N THR A 43 -17.80 -6.47 12.11
CA THR A 43 -17.06 -5.32 11.63
C THR A 43 -17.97 -4.13 11.39
N LEU A 44 -19.13 -4.34 10.77
CA LEU A 44 -20.04 -3.22 10.52
C LEU A 44 -20.48 -2.59 11.84
N GLN A 45 -20.65 -3.42 12.87
CA GLN A 45 -21.08 -2.87 14.16
C GLN A 45 -20.00 -1.97 14.74
N LYS A 46 -18.73 -2.35 14.61
CA LYS A 46 -17.66 -1.50 15.13
C LYS A 46 -17.55 -0.22 14.32
N VAL A 47 -17.76 -0.28 13.00
CA VAL A 47 -17.70 0.92 12.16
C VAL A 47 -18.81 1.89 12.53
N VAL A 48 -20.03 1.39 12.70
CA VAL A 48 -21.13 2.24 13.17
C VAL A 48 -20.79 2.86 14.53
N ALA A 49 -20.28 2.06 15.46
CA ALA A 49 -19.98 2.58 16.79
C ALA A 49 -18.91 3.66 16.74
N VAL A 50 -17.84 3.43 15.97
CA VAL A 50 -16.77 4.42 15.84
C VAL A 50 -17.27 5.70 15.18
N LEU A 51 -18.11 5.59 14.14
CA LEU A 51 -18.61 6.78 13.46
C LEU A 51 -19.58 7.56 14.35
N SER A 52 -20.24 6.88 15.29
CA SER A 52 -21.21 7.53 16.15
C SER A 52 -20.57 8.25 17.33
N LEU A 53 -19.24 8.20 17.46
CA LEU A 53 -18.53 8.92 18.52
C LEU A 53 -18.54 10.43 18.31
N THR A 54 -18.83 10.91 17.11
CA THR A 54 -18.96 12.35 16.90
C THR A 54 -20.42 12.75 16.86
N PRO A 55 -20.72 14.04 17.08
CA PRO A 55 -22.12 14.48 16.96
C PRO A 55 -22.69 14.33 15.55
N GLN A 56 -21.91 14.69 14.53
CA GLN A 56 -22.39 14.53 13.17
C GLN A 56 -22.62 13.06 12.82
N GLY A 57 -21.77 12.17 13.34
CA GLY A 57 -21.98 10.76 13.11
C GLY A 57 -23.23 10.23 13.81
N LYS A 58 -23.41 10.58 15.08
CA LYS A 58 -24.61 10.15 15.81
C LYS A 58 -25.87 10.66 15.12
N GLN A 59 -25.88 11.95 14.78
CA GLN A 59 -27.07 12.52 14.15
C GLN A 59 -27.37 11.83 12.82
N ALA A 60 -26.33 11.48 12.06
CA ALA A 60 -26.55 10.89 10.74
C ALA A 60 -27.21 9.51 10.83
N PHE A 61 -26.94 8.75 11.90
CA PHE A 61 -27.62 7.47 12.03
C PHE A 61 -29.05 7.63 12.54
N GLU A 62 -29.33 8.67 13.33
CA GLU A 62 -30.71 8.98 13.70
C GLU A 62 -31.52 9.48 12.50
N ASP A 63 -31.10 10.60 11.91
CA ASP A 63 -31.91 11.22 10.87
C ASP A 63 -31.82 10.50 9.53
N ARG A 64 -30.80 9.67 9.34
CA ARG A 64 -30.60 8.94 8.09
C ARG A 64 -30.72 9.85 6.86
N PRO A 65 -29.93 10.91 6.78
CA PRO A 65 -30.10 11.86 5.68
C PRO A 65 -29.69 11.25 4.34
N LEU A 67 -29.49 11.85 -0.08
CA LEU A 67 -29.36 12.89 -1.10
C LEU A 67 -30.70 13.27 -1.69
N GLY A 68 -31.57 12.29 -1.90
CA GLY A 68 -32.78 12.54 -2.65
C GLY A 68 -32.51 12.57 -4.15
N LYS A 69 -33.51 13.04 -4.88
CA LYS A 69 -33.34 13.22 -6.31
C LYS A 69 -32.50 14.45 -6.58
N ILE A 70 -31.63 14.37 -7.58
CA ILE A 70 -30.75 15.47 -7.93
C ILE A 70 -30.91 15.76 -9.42
N ASP A 71 -31.09 17.03 -9.76
CA ASP A 71 -31.23 17.49 -11.14
C ASP A 71 -29.87 18.01 -11.58
N LEU A 72 -29.14 17.18 -12.32
CA LEU A 72 -27.81 17.59 -12.79
C LEU A 72 -27.87 18.91 -13.54
N GLU A 73 -28.83 19.05 -14.45
CA GLU A 73 -28.94 20.27 -15.26
C GLU A 73 -29.06 21.50 -14.37
N GLN A 74 -29.96 21.44 -13.37
CA GLN A 74 -30.14 22.56 -12.45
C GLN A 74 -28.86 22.84 -11.66
N LEU A 75 -28.21 21.79 -11.15
CA LEU A 75 -26.94 21.99 -10.45
C LEU A 75 -25.88 22.58 -11.38
N HIS A 76 -25.92 22.22 -12.66
CA HIS A 76 -24.95 22.78 -13.60
C HIS A 76 -25.22 24.24 -13.95
N GLN A 77 -26.32 24.85 -13.47
CA GLN A 77 -26.56 26.27 -13.64
C GLN A 77 -25.93 27.12 -12.56
N LEU A 78 -25.35 26.49 -11.54
CA LEU A 78 -24.78 27.23 -10.44
C LEU A 78 -23.43 27.84 -10.87
N PRO A 79 -22.97 28.84 -10.12
CA PRO A 79 -21.62 29.36 -10.36
C PRO A 79 -20.54 28.28 -10.41
N ASN A 80 -19.55 28.51 -11.28
CA ASN A 80 -18.46 27.57 -11.54
C ASN A 80 -17.73 27.10 -10.30
N TYR A 81 -17.66 27.93 -9.27
CA TYR A 81 -16.84 27.64 -8.09
C TYR A 81 -17.57 26.77 -7.06
N THR A 82 -18.82 26.41 -7.30
CA THR A 82 -19.63 25.76 -6.26
C THR A 82 -19.48 24.24 -6.28
N LEU A 83 -19.70 23.64 -5.11
CA LEU A 83 -19.80 22.19 -5.03
C LEU A 83 -20.83 21.66 -6.03
N GLY A 84 -21.99 22.32 -6.08
CA GLY A 84 -23.06 21.84 -6.95
C GLY A 84 -22.67 21.84 -8.42
N TYR A 85 -22.04 22.91 -8.88
CA TYR A 85 -21.59 22.92 -10.27
C TYR A 85 -20.50 21.90 -10.49
N TYR A 87 -19.71 19.16 -8.97
CA TYR A 87 -20.23 17.80 -8.94
C TYR A 87 -20.97 17.49 -10.22
N ALA A 88 -21.94 18.33 -10.58
CA ALA A 88 -22.69 18.17 -11.82
C ALA A 88 -21.75 18.06 -13.01
N ASP A 89 -20.75 18.94 -13.07
CA ASP A 89 -19.78 18.88 -14.15
C ASP A 89 -19.07 17.54 -14.17
N HIS A 90 -18.72 17.03 -12.99
CA HIS A 90 -18.04 15.75 -12.88
C HIS A 90 -18.90 14.60 -13.45
N ILE A 92 -21.43 14.92 -15.63
CA ILE A 92 -21.66 15.10 -17.07
C ILE A 92 -20.44 14.66 -17.86
N ARG A 93 -19.26 15.12 -17.45
CA ARG A 93 -18.04 14.82 -18.22
C ARG A 93 -17.80 13.31 -18.32
N ASN A 94 -17.93 12.60 -17.21
CA ASN A 94 -17.69 11.16 -17.21
C ASN A 94 -18.94 10.34 -17.51
N GLN A 95 -20.07 11.00 -17.81
CA GLN A 95 -21.30 10.33 -18.23
C GLN A 95 -21.82 9.36 -17.17
N LEU A 96 -21.61 9.70 -15.90
CA LEU A 96 -22.09 8.91 -14.79
C LEU A 96 -23.56 9.22 -14.52
N THR A 97 -24.21 8.33 -13.77
CA THR A 97 -25.61 8.50 -13.43
C THR A 97 -25.82 8.25 -11.94
N PRO A 98 -26.60 9.11 -11.26
CA PRO A 98 -26.81 8.99 -9.81
C PRO A 98 -27.63 7.77 -9.41
N VAL A 105 -33.87 0.94 4.38
CA VAL A 105 -32.82 1.92 4.67
C VAL A 105 -32.92 2.38 6.12
N ASN A 106 -33.83 1.75 6.87
CA ASN A 106 -34.07 2.12 8.27
C ASN A 106 -33.10 1.46 9.24
N HIS A 107 -32.29 0.50 8.78
CA HIS A 107 -31.35 -0.15 9.68
C HIS A 107 -29.95 0.45 9.52
N PRO A 108 -29.21 0.55 10.63
CA PRO A 108 -27.90 1.25 10.58
C PRO A 108 -26.96 0.73 9.50
N PHE A 109 -26.80 -0.59 9.36
CA PHE A 109 -25.89 -1.12 8.35
C PHE A 109 -26.36 -0.80 6.93
N PHE A 111 -28.26 1.98 6.01
CA PHE A 111 -27.94 3.39 5.82
C PHE A 111 -26.46 3.60 5.60
N LEU A 112 -25.61 2.94 6.40
CA LEU A 112 -24.17 3.08 6.23
C LEU A 112 -23.77 2.80 4.79
N ALA A 113 -24.22 1.65 4.26
CA ALA A 113 -23.82 1.26 2.92
C ALA A 113 -24.45 2.15 1.85
N ALA A 114 -25.69 2.59 2.06
CA ALA A 114 -26.36 3.40 1.04
C ALA A 114 -25.83 4.84 1.04
N HIS A 115 -25.51 5.39 2.21
CA HIS A 115 -24.92 6.73 2.28
C HIS A 115 -23.56 6.78 1.60
N LEU A 116 -22.69 5.81 1.90
CA LEU A 116 -21.37 5.80 1.27
C LEU A 116 -21.46 5.52 -0.21
N GLY A 117 -22.38 4.62 -0.61
CA GLY A 117 -22.53 4.32 -2.02
C GLY A 117 -22.99 5.52 -2.84
N GLU A 118 -23.93 6.29 -2.31
CA GLU A 118 -24.46 7.39 -3.10
C GLU A 118 -23.66 8.68 -3.00
N THR A 119 -22.82 8.84 -1.97
CA THR A 119 -21.95 10.01 -1.91
C THR A 119 -20.57 9.75 -2.50
N HIS A 120 -20.33 8.54 -3.04
CA HIS A 120 -19.01 8.19 -3.55
C HIS A 120 -18.51 9.20 -4.59
N ASP A 121 -19.38 9.60 -5.53
CA ASP A 121 -18.98 10.59 -6.53
C ASP A 121 -18.69 11.94 -5.88
N ILE A 122 -19.44 12.27 -4.82
CA ILE A 122 -19.23 13.54 -4.14
C ILE A 122 -17.90 13.56 -3.39
N TRP A 123 -17.51 12.43 -2.78
CA TRP A 123 -16.20 12.35 -2.15
C TRP A 123 -15.08 12.53 -3.17
N HIS A 124 -15.28 11.99 -4.39
CA HIS A 124 -14.35 12.22 -5.49
C HIS A 124 -14.13 13.71 -5.72
N VAL A 125 -15.22 14.45 -5.87
CA VAL A 125 -15.13 15.88 -6.16
C VAL A 125 -14.46 16.62 -5.00
N VAL A 126 -14.91 16.35 -3.78
CA VAL A 126 -14.49 17.13 -2.62
C VAL A 126 -13.02 16.87 -2.28
N THR A 127 -12.54 15.62 -2.48
CA THR A 127 -11.13 15.32 -2.19
C THR A 127 -10.21 15.66 -3.36
N GLY A 128 -10.76 15.95 -4.53
CA GLY A 128 -9.92 16.25 -5.67
C GLY A 128 -9.26 15.05 -6.34
N CYS A 129 -9.84 13.86 -6.22
CA CYS A 129 -9.25 12.65 -6.78
C CYS A 129 -9.67 12.47 -8.23
N ASP A 130 -8.69 12.31 -9.12
CA ASP A 130 -8.99 12.05 -10.53
C ASP A 130 -9.70 10.71 -10.71
N THR A 131 -10.24 10.52 -11.90
CA THR A 131 -11.04 9.33 -12.18
C THR A 131 -10.20 8.14 -12.66
N ASP A 132 -8.94 8.37 -13.04
CA ASP A 132 -8.08 7.29 -13.51
C ASP A 132 -7.73 6.35 -12.35
N LYS A 133 -6.97 5.30 -12.67
CA LYS A 133 -6.63 4.30 -11.66
C LYS A 133 -5.88 4.88 -10.46
N PRO A 134 -4.86 5.73 -10.63
CA PRO A 134 -4.23 6.33 -9.43
C PRO A 134 -5.19 7.17 -8.60
N GLY A 135 -6.18 7.83 -9.23
CA GLY A 135 -7.15 8.59 -8.46
C GLY A 135 -8.09 7.71 -7.65
N GLU A 136 -8.45 6.55 -8.18
CA GLU A 136 -9.26 5.60 -7.42
C GLU A 136 -8.50 5.06 -6.22
N VAL A 137 -7.21 4.81 -6.38
CA VAL A 137 -6.42 4.30 -5.27
C VAL A 137 -6.26 5.39 -4.21
N LYS A 138 -6.02 6.62 -4.65
CA LYS A 138 -5.97 7.75 -3.74
C LYS A 138 -7.26 7.84 -2.92
N LEU A 139 -8.41 7.77 -3.60
CA LEU A 139 -9.69 7.84 -2.89
C LEU A 139 -9.87 6.64 -1.96
N GLU A 140 -9.48 5.45 -2.40
CA GLU A 140 -9.60 4.29 -1.52
C GLU A 140 -8.76 4.46 -0.26
N ALA A 141 -7.55 5.01 -0.38
CA ALA A 141 -6.73 5.27 0.79
C ALA A 141 -7.38 6.31 1.70
N PHE A 142 -7.99 7.33 1.11
CA PHE A 142 -8.75 8.32 1.90
C PHE A 142 -9.84 7.62 2.72
N TYR A 143 -10.58 6.71 2.09
CA TYR A 143 -11.63 5.96 2.80
C TYR A 143 -11.06 5.12 3.94
N THR A 144 -9.93 4.45 3.73
CA THR A 144 -9.47 3.58 4.81
C THR A 144 -8.95 4.41 5.99
N ALA A 145 -8.48 5.64 5.73
CA ALA A 145 -8.14 6.53 6.85
C ALA A 145 -9.38 6.91 7.65
N GLN A 146 -10.50 7.16 6.97
CA GLN A 146 -11.70 7.70 7.61
C GLN A 146 -12.63 6.64 8.20
N LEU A 147 -12.55 5.37 7.76
CA LEU A 147 -13.56 4.39 8.12
C LEU A 147 -13.01 3.24 8.99
N ILE A 148 -11.86 3.43 9.63
CA ILE A 148 -11.33 2.49 10.61
C ILE A 148 -12.46 2.09 11.57
N PRO A 149 -12.66 0.79 11.87
CA PRO A 149 -11.91 -0.42 11.50
C PRO A 149 -12.51 -1.24 10.34
N ASP A 150 -12.97 -0.53 9.32
CA ASP A 150 -13.40 -1.17 8.08
C ASP A 150 -12.27 -2.03 7.49
N ARG A 151 -12.66 -3.10 6.79
CA ARG A 151 -11.69 -3.95 6.12
C ARG A 151 -11.75 -3.88 4.59
N LEU A 152 -12.85 -3.40 4.02
CA LEU A 152 -13.05 -3.46 2.57
C LEU A 152 -12.03 -2.61 1.83
N PHE A 153 -11.89 -1.34 2.23
CA PHE A 153 -11.09 -0.43 1.44
C PHE A 153 -9.60 -0.77 1.50
N LEU A 154 -9.12 -1.28 2.63
CA LEU A 154 -7.76 -1.82 2.72
C LEU A 154 -7.56 -2.97 1.73
N ALA A 155 -8.52 -3.90 1.66
CA ALA A 155 -8.47 -5.00 0.70
C ALA A 155 -8.55 -4.51 -0.75
N LEU A 156 -9.26 -3.40 -0.98
CA LEU A 156 -9.29 -2.81 -2.31
C LEU A 156 -7.94 -2.21 -2.68
N LEU A 157 -7.26 -1.57 -1.72
CA LEU A 157 -5.90 -1.17 -2.01
C LEU A 157 -5.05 -2.38 -2.37
N ALA A 158 -5.22 -3.50 -1.65
CA ALA A 158 -4.38 -4.66 -1.92
C ALA A 158 -4.64 -5.18 -3.31
N LYS A 159 -5.89 -5.19 -3.74
CA LYS A 159 -6.16 -5.77 -5.05
C LYS A 159 -5.65 -4.88 -6.17
N ASN A 160 -5.65 -3.54 -5.97
CA ASN A 160 -5.14 -2.65 -7.02
C ASN A 160 -3.61 -2.61 -7.04
N LEU A 161 -2.94 -2.85 -5.91
CA LEU A 161 -1.48 -3.00 -5.95
C LEU A 161 -1.08 -4.29 -6.65
N LEU A 162 -1.82 -5.37 -6.41
CA LEU A 162 -1.52 -6.65 -7.07
C LEU A 162 -1.79 -6.55 -8.57
N LYS A 163 -2.86 -5.86 -8.96
CA LYS A 163 -3.18 -5.69 -10.38
C LYS A 163 -2.10 -4.88 -11.08
N THR A 164 -1.59 -3.85 -10.40
CA THR A 164 -0.48 -3.07 -10.94
C THR A 164 0.76 -3.94 -11.10
N ALA A 165 1.12 -4.72 -10.08
CA ALA A 165 2.27 -5.62 -10.19
C ALA A 165 2.11 -6.60 -11.35
N TYR A 167 -0.28 -6.67 -14.10
CA TYR A 167 -0.77 -6.28 -15.40
C TYR A 167 -0.29 -4.93 -15.89
N GLU A 168 0.16 -4.04 -15.02
CA GLU A 168 0.45 -2.67 -15.46
C GLU A 168 1.50 -2.02 -14.56
N VAL A 169 2.67 -2.67 -14.44
CA VAL A 169 3.65 -2.22 -13.47
C VAL A 169 4.15 -0.82 -13.74
N GLU A 170 4.00 -0.32 -14.98
CA GLU A 170 4.47 1.03 -15.24
C GLU A 170 3.69 2.09 -14.47
N LEU A 171 2.49 1.76 -13.97
CA LEU A 171 1.74 2.70 -13.11
C LEU A 171 2.23 2.72 -11.66
N CYS A 172 3.20 1.88 -11.29
CA CYS A 172 3.56 1.71 -9.88
C CYS A 172 3.77 3.03 -9.16
N GLU A 173 4.59 3.92 -9.75
CA GLU A 173 4.90 5.20 -9.14
C GLU A 173 3.64 6.03 -8.86
N GLN A 174 2.80 6.19 -9.88
CA GLN A 174 1.58 6.98 -9.70
C GLN A 174 0.66 6.34 -8.68
N ILE A 175 0.62 5.00 -8.66
CA ILE A 175 -0.32 4.28 -7.80
C ILE A 175 0.09 4.46 -6.35
N LEU A 176 1.39 4.32 -6.06
CA LEU A 176 1.82 4.48 -4.67
C LEU A 176 1.88 5.95 -4.25
N ASP A 177 2.17 6.87 -5.20
CA ASP A 177 2.01 8.29 -4.88
C ASP A 177 0.57 8.61 -4.56
N GLY A 178 -0.38 8.04 -5.31
CA GLY A 178 -1.80 8.26 -5.01
C GLY A 178 -2.21 7.70 -3.67
N LEU A 179 -1.93 6.41 -3.44
CA LEU A 179 -2.18 5.81 -2.12
C LEU A 179 -1.62 6.70 -1.01
N THR A 180 -0.35 7.10 -1.12
CA THR A 180 0.30 7.86 -0.06
C THR A 180 -0.40 9.20 0.20
N GLN A 181 -0.77 9.91 -0.88
CA GLN A 181 -1.46 11.18 -0.74
C GLN A 181 -2.84 11.01 -0.13
N GLY A 182 -3.59 10.00 -0.57
CA GLY A 182 -4.93 9.81 -0.05
C GLY A 182 -4.93 9.40 1.41
N TRP A 183 -3.98 8.55 1.80
CA TRP A 183 -3.86 8.15 3.20
C TRP A 183 -3.63 9.36 4.10
N GLY A 186 -6.51 11.70 4.14
CA GLY A 186 -7.64 11.13 4.83
C GLY A 186 -7.50 11.24 6.34
N LYS A 187 -6.28 11.09 6.85
CA LYS A 187 -6.06 11.23 8.29
C LYS A 187 -6.18 12.68 8.73
N ARG A 188 -5.86 13.62 7.84
CA ARG A 188 -5.83 15.01 8.20
C ARG A 188 -7.19 15.66 8.11
N ALA A 189 -8.06 15.17 7.21
CA ALA A 189 -9.35 15.80 7.01
C ALA A 189 -10.32 15.45 8.13
N LYS A 190 -11.29 16.36 8.34
CA LYS A 190 -12.41 16.05 9.19
C LYS A 190 -13.25 14.93 8.57
N PRO A 191 -14.08 14.23 9.37
CA PRO A 191 -14.91 13.15 8.82
C PRO A 191 -15.84 13.66 7.73
N LEU A 192 -15.86 12.97 6.60
CA LEU A 192 -16.85 13.27 5.58
C LEU A 192 -18.14 12.50 5.78
N PHE A 193 -18.13 11.47 6.62
CA PHE A 193 -19.32 10.64 6.77
C PHE A 193 -20.46 11.44 7.40
N GLY A 194 -21.67 11.22 6.91
CA GLY A 194 -22.87 11.79 7.50
C GLY A 194 -23.19 13.22 7.10
N ILE A 195 -22.48 13.80 6.14
CA ILE A 195 -22.73 15.18 5.73
C ILE A 195 -23.94 15.21 4.81
N GLU A 196 -24.84 16.16 5.05
CA GLU A 196 -26.01 16.39 4.20
C GLU A 196 -25.58 17.27 3.05
N TRP A 197 -25.09 16.64 1.98
CA TRP A 197 -24.57 17.43 0.87
C TRP A 197 -25.67 18.18 0.12
N ASN A 198 -26.92 17.70 0.17
CA ASN A 198 -28.00 18.35 -0.59
C ASN A 198 -28.24 19.78 -0.14
N LYS A 199 -27.69 20.19 1.01
CA LYS A 199 -27.81 21.56 1.47
C LYS A 199 -26.46 22.30 1.45
N LEU A 200 -25.53 21.86 0.60
CA LEU A 200 -24.25 22.52 0.44
C LEU A 200 -23.94 22.86 -1.01
N TRP A 201 -24.87 22.61 -1.94
CA TRP A 201 -24.61 22.78 -3.37
C TRP A 201 -24.06 24.15 -3.72
N GLU A 202 -24.48 25.19 -3.00
CA GLU A 202 -24.07 26.55 -3.32
C GLU A 202 -22.82 26.98 -2.58
N THR A 203 -22.25 26.11 -1.76
CA THR A 203 -21.01 26.46 -1.07
C THR A 203 -19.85 26.39 -2.06
N PRO A 204 -18.98 27.41 -2.10
CA PRO A 204 -17.78 27.29 -2.94
C PRO A 204 -16.93 26.10 -2.52
N LEU A 205 -16.59 25.27 -3.51
CA LEU A 205 -15.90 24.02 -3.21
C LEU A 205 -14.63 24.25 -2.41
N GLU A 206 -13.85 25.28 -2.76
CA GLU A 206 -12.59 25.51 -2.09
C GLU A 206 -12.80 25.89 -0.62
N GLU A 207 -13.92 26.54 -0.30
CA GLU A 207 -14.22 26.87 1.10
C GLU A 207 -14.68 25.62 1.86
N LEU A 208 -15.47 24.77 1.22
CA LEU A 208 -15.88 23.52 1.84
C LEU A 208 -14.67 22.64 2.15
N GLN A 209 -13.68 22.63 1.26
CA GLN A 209 -12.46 21.87 1.51
C GLN A 209 -11.70 22.44 2.71
N THR A 210 -11.52 23.76 2.74
CA THR A 210 -10.89 24.39 3.90
C THR A 210 -11.63 24.03 5.18
N SER A 211 -12.95 24.15 5.19
CA SER A 211 -13.74 23.78 6.36
C SER A 211 -13.50 22.34 6.78
N LEU A 212 -13.24 21.46 5.82
CA LEU A 212 -13.06 20.04 6.11
C LEU A 212 -11.61 19.66 6.33
N ASN A 213 -10.71 20.64 6.35
CA ASN A 213 -9.26 20.40 6.44
C ASN A 213 -8.78 19.50 5.31
N ILE A 214 -9.30 19.71 4.11
CA ILE A 214 -8.84 19.02 2.91
C ILE A 214 -7.86 19.93 2.19
N VAL A 215 -6.61 19.51 2.10
CA VAL A 215 -5.57 20.25 1.41
C VAL A 215 -5.08 19.41 0.24
N PRO A 216 -5.55 19.71 -0.99
CA PRO A 216 -5.17 18.93 -2.16
C PRO A 216 -3.73 19.20 -2.61
N ILE B 5 0.03 -11.58 -20.01
CA ILE B 5 0.49 -12.87 -19.49
C ILE B 5 -0.49 -13.99 -19.85
N THR B 6 0.02 -15.21 -19.93
CA THR B 6 -0.84 -16.35 -20.18
C THR B 6 -1.74 -16.60 -18.97
N GLN B 7 -2.83 -17.34 -19.22
CA GLN B 7 -3.65 -17.79 -18.10
C GLN B 7 -2.85 -18.70 -17.17
N SER B 8 -1.87 -19.42 -17.72
CA SER B 8 -1.06 -20.33 -16.93
C SER B 8 -0.15 -19.57 -15.97
N GLN B 9 0.58 -18.57 -16.48
CA GLN B 9 1.43 -17.74 -15.63
C GLN B 9 0.59 -17.07 -14.55
N GLU B 10 -0.60 -16.61 -14.91
CA GLU B 10 -1.47 -15.92 -13.98
C GLU B 10 -1.89 -16.82 -12.82
N THR B 11 -2.20 -18.09 -13.12
CA THR B 11 -2.63 -18.97 -12.04
C THR B 11 -1.47 -19.31 -11.12
N ALA B 12 -0.26 -19.47 -11.68
CA ALA B 12 0.91 -19.69 -10.81
C ALA B 12 1.20 -18.47 -9.94
N ILE B 13 1.00 -17.25 -10.46
CA ILE B 13 1.17 -16.05 -9.65
C ILE B 13 0.15 -16.02 -8.53
N LEU B 14 -1.12 -16.21 -8.87
CA LEU B 14 -2.20 -16.14 -7.89
C LEU B 14 -2.08 -17.24 -6.84
N GLU B 15 -1.57 -18.41 -7.23
CA GLU B 15 -1.41 -19.48 -6.25
C GLU B 15 -0.31 -19.15 -5.25
N SER B 16 0.84 -18.66 -5.73
CA SER B 16 1.89 -18.19 -4.83
C SER B 16 1.42 -17.04 -3.96
N PHE B 17 0.68 -16.09 -4.54
CA PHE B 17 0.17 -14.97 -3.76
C PHE B 17 -0.73 -15.45 -2.62
N LEU B 18 -1.61 -16.42 -2.90
CA LEU B 18 -2.47 -16.99 -1.86
C LEU B 18 -1.68 -17.71 -0.76
N GLU B 19 -0.61 -18.42 -1.13
CA GLU B 19 0.21 -19.07 -0.12
C GLU B 19 0.84 -18.04 0.82
N LEU B 20 1.27 -16.91 0.27
CA LEU B 20 1.84 -15.85 1.11
C LEU B 20 0.78 -15.18 1.96
N VAL B 21 -0.44 -15.03 1.45
CA VAL B 21 -1.49 -14.41 2.26
C VAL B 21 -1.79 -15.27 3.47
N LYS B 22 -1.67 -16.60 3.34
CA LYS B 22 -2.09 -17.53 4.37
C LYS B 22 -0.97 -17.95 5.33
N SER B 23 0.27 -17.64 5.05
CA SER B 23 1.39 -18.11 5.86
C SER B 23 2.05 -16.92 6.58
N PRO B 24 2.91 -17.18 7.55
CA PRO B 24 3.54 -16.06 8.29
C PRO B 24 4.48 -15.25 7.41
N TYR B 25 4.83 -14.08 7.92
CA TYR B 25 5.88 -13.24 7.32
C TYR B 25 7.19 -14.02 7.20
N GLY B 26 8.03 -13.61 6.26
CA GLY B 26 9.31 -14.27 6.11
C GLY B 26 9.25 -15.65 5.49
N ASN B 27 8.20 -15.94 4.71
CA ASN B 27 8.10 -17.20 3.99
C ASN B 27 8.93 -17.10 2.71
N PHE B 28 10.26 -17.23 2.87
CA PHE B 28 11.19 -16.98 1.75
C PHE B 28 11.02 -17.98 0.62
N ALA B 29 10.70 -19.23 0.94
CA ALA B 29 10.48 -20.20 -0.12
C ALA B 29 9.33 -19.77 -1.02
N SER B 30 8.20 -19.33 -0.43
CA SER B 30 7.09 -18.94 -1.30
C SER B 30 7.35 -17.60 -1.97
N ILE B 31 8.11 -16.73 -1.31
CA ILE B 31 8.49 -15.47 -1.94
C ILE B 31 9.35 -15.75 -3.17
N GLY B 32 10.31 -16.67 -3.04
CA GLY B 32 11.12 -17.06 -4.19
C GLY B 32 10.29 -17.64 -5.31
N LYS B 33 9.34 -18.53 -4.98
CA LYS B 33 8.42 -19.06 -5.97
C LYS B 33 7.60 -17.94 -6.64
N LEU B 34 7.08 -16.99 -5.86
CA LEU B 34 6.36 -15.88 -6.47
C LEU B 34 7.30 -15.08 -7.36
N SER B 35 8.56 -14.93 -6.95
CA SER B 35 9.53 -14.15 -7.70
C SER B 35 9.82 -14.77 -9.07
N HIS B 36 10.08 -16.08 -9.10
CA HIS B 36 10.36 -16.81 -10.33
C HIS B 36 9.30 -16.52 -11.38
N VAL B 37 8.03 -16.53 -10.97
CA VAL B 37 6.93 -16.40 -11.92
C VAL B 37 6.56 -14.93 -12.19
N LEU B 38 6.79 -14.03 -11.23
CA LEU B 38 6.34 -12.66 -11.40
C LEU B 38 7.37 -11.83 -12.16
N ASN B 39 8.65 -11.92 -11.77
CA ASN B 39 9.73 -11.17 -12.43
C ASN B 39 10.33 -12.01 -13.56
N ASP B 40 9.77 -11.87 -14.76
CA ASP B 40 10.28 -12.63 -15.89
C ASP B 40 11.60 -12.01 -16.38
N PRO B 41 12.30 -12.67 -17.31
CA PRO B 41 13.57 -12.09 -17.81
C PRO B 41 13.43 -10.69 -18.37
N ASP B 42 12.32 -10.35 -19.02
CA ASP B 42 12.17 -9.00 -19.52
C ASP B 42 12.16 -7.99 -18.36
N THR B 43 11.40 -8.28 -17.30
CA THR B 43 11.40 -7.40 -16.13
C THR B 43 12.79 -7.30 -15.51
N LEU B 44 13.46 -8.44 -15.34
CA LEU B 44 14.77 -8.44 -14.69
C LEU B 44 15.78 -7.61 -15.50
N GLN B 45 15.75 -7.72 -16.83
CA GLN B 45 16.67 -6.95 -17.66
C GLN B 45 16.43 -5.45 -17.54
N LYS B 46 15.17 -5.03 -17.41
CA LYS B 46 14.91 -3.61 -17.26
C LYS B 46 15.39 -3.10 -15.91
N VAL B 47 15.25 -3.92 -14.86
CA VAL B 47 15.79 -3.56 -13.55
C VAL B 47 17.31 -3.45 -13.62
N VAL B 48 17.97 -4.44 -14.24
CA VAL B 48 19.41 -4.38 -14.39
C VAL B 48 19.82 -3.11 -15.12
N ALA B 49 19.11 -2.78 -16.21
CA ALA B 49 19.46 -1.61 -17.01
C ALA B 49 19.25 -0.30 -16.23
N VAL B 50 18.15 -0.20 -15.48
CA VAL B 50 17.90 1.00 -14.68
C VAL B 50 18.99 1.17 -13.63
N LEU B 51 19.24 0.10 -12.86
CA LEU B 51 20.27 0.16 -11.83
C LEU B 51 21.63 0.46 -12.42
N SER B 52 21.85 0.10 -13.69
CA SER B 52 23.14 0.33 -14.32
C SER B 52 23.33 1.76 -14.81
N LEU B 53 22.30 2.61 -14.76
CA LEU B 53 22.45 4.00 -15.17
C LEU B 53 23.30 4.84 -14.22
N THR B 54 23.58 4.35 -13.01
CA THR B 54 24.49 5.08 -12.14
C THR B 54 25.87 4.43 -12.16
N PRO B 55 26.92 5.19 -11.85
CA PRO B 55 28.26 4.59 -11.81
C PRO B 55 28.40 3.50 -10.75
N GLN B 56 27.77 3.67 -9.59
CA GLN B 56 27.79 2.62 -8.56
C GLN B 56 27.06 1.37 -9.05
N GLY B 57 25.94 1.55 -9.75
CA GLY B 57 25.22 0.40 -10.27
C GLY B 57 26.01 -0.33 -11.35
N LYS B 58 26.56 0.42 -12.30
CA LYS B 58 27.30 -0.20 -13.39
C LYS B 58 28.49 -0.99 -12.84
N GLN B 59 29.22 -0.39 -11.91
CA GLN B 59 30.41 -1.04 -11.38
C GLN B 59 30.07 -2.30 -10.60
N ALA B 60 28.95 -2.29 -9.88
CA ALA B 60 28.59 -3.45 -9.07
C ALA B 60 28.31 -4.67 -9.94
N PHE B 61 27.67 -4.48 -11.10
CA PHE B 61 27.46 -5.62 -11.99
C PHE B 61 28.78 -6.08 -12.61
N GLU B 62 29.76 -5.19 -12.73
CA GLU B 62 31.05 -5.59 -13.28
C GLU B 62 31.91 -6.29 -12.24
N ASP B 63 31.92 -5.79 -11.01
CA ASP B 63 32.79 -6.36 -9.98
C ASP B 63 32.11 -7.44 -9.14
N ARG B 64 30.79 -7.47 -9.13
CA ARG B 64 30.03 -8.40 -8.31
C ARG B 64 30.51 -8.46 -6.85
N PRO B 65 30.53 -7.34 -6.13
CA PRO B 65 30.90 -7.36 -4.72
C PRO B 65 29.99 -8.24 -3.89
N LEU B 67 29.32 -9.96 0.21
CA LEU B 67 29.62 -9.70 1.61
C LEU B 67 30.82 -10.50 2.08
N GLY B 68 30.81 -11.82 1.83
CA GLY B 68 31.82 -12.71 2.39
C GLY B 68 31.39 -13.24 3.75
N LYS B 69 32.30 -13.99 4.38
CA LYS B 69 31.98 -14.54 5.69
C LYS B 69 32.01 -13.42 6.73
N ILE B 70 31.00 -13.41 7.59
CA ILE B 70 30.79 -12.35 8.57
C ILE B 70 31.03 -12.94 9.95
N ASP B 71 31.79 -12.23 10.77
CA ASP B 71 32.05 -12.66 12.14
C ASP B 71 31.14 -11.82 13.04
N LEU B 72 29.96 -12.35 13.34
CA LEU B 72 29.00 -11.63 14.18
C LEU B 72 29.62 -11.24 15.53
N GLU B 73 30.42 -12.13 16.11
CA GLU B 73 31.01 -11.84 17.41
C GLU B 73 31.94 -10.64 17.32
N GLN B 74 32.84 -10.65 16.33
CA GLN B 74 33.78 -9.55 16.16
C GLN B 74 33.06 -8.24 15.88
N LEU B 75 32.05 -8.27 15.01
CA LEU B 75 31.29 -7.04 14.75
C LEU B 75 30.61 -6.54 16.01
N HIS B 76 30.17 -7.47 16.88
CA HIS B 76 29.49 -7.05 18.11
C HIS B 76 30.43 -6.40 19.11
N GLN B 77 31.75 -6.48 18.89
CA GLN B 77 32.72 -5.77 19.72
C GLN B 77 32.95 -4.34 19.28
N LEU B 78 32.45 -3.94 18.11
CA LEU B 78 32.65 -2.59 17.63
C LEU B 78 31.90 -1.60 18.54
N PRO B 79 32.28 -0.32 18.50
CA PRO B 79 31.49 0.69 19.22
C PRO B 79 30.04 0.66 18.79
N ASN B 80 29.15 0.87 19.75
CA ASN B 80 27.74 0.58 19.53
C ASN B 80 27.03 1.59 18.62
N TYR B 81 27.73 2.61 18.12
CA TYR B 81 27.14 3.50 17.13
C TYR B 81 27.44 3.09 15.69
N THR B 82 28.29 2.09 15.48
CA THR B 82 28.73 1.70 14.14
C THR B 82 27.69 0.85 13.43
N LEU B 83 27.78 0.84 12.09
CA LEU B 83 26.99 -0.09 11.30
C LEU B 83 27.25 -1.54 11.71
N GLY B 84 28.51 -1.90 11.92
CA GLY B 84 28.84 -3.29 12.25
C GLY B 84 28.20 -3.74 13.57
N TYR B 85 28.29 -2.91 14.60
CA TYR B 85 27.65 -3.25 15.87
C TYR B 85 26.15 -3.38 15.69
N TYR B 87 24.30 -3.88 13.03
CA TYR B 87 23.93 -5.04 12.22
C TYR B 87 24.00 -6.32 13.05
N ALA B 88 25.10 -6.52 13.76
CA ALA B 88 25.26 -7.73 14.58
C ALA B 88 24.18 -7.81 15.66
N ASP B 89 23.92 -6.69 16.32
CA ASP B 89 22.87 -6.63 17.33
C ASP B 89 21.51 -6.96 16.73
N HIS B 90 21.26 -6.50 15.50
CA HIS B 90 20.02 -6.81 14.80
C HIS B 90 19.91 -8.30 14.54
N ILE B 92 21.44 -10.81 16.30
CA ILE B 92 21.23 -11.50 17.57
C ILE B 92 19.78 -11.40 18.01
N ARG B 93 19.24 -10.17 18.04
CA ARG B 93 17.90 -9.96 18.60
C ARG B 93 16.82 -10.65 17.77
N ASN B 94 17.02 -10.78 16.47
CA ASN B 94 16.01 -11.42 15.63
C ASN B 94 16.32 -12.87 15.34
N GLN B 95 17.35 -13.43 15.99
CA GLN B 95 17.69 -14.85 15.86
C GLN B 95 17.93 -15.22 14.41
N LEU B 96 18.64 -14.34 13.69
CA LEU B 96 18.95 -14.55 12.28
C LEU B 96 20.38 -15.04 12.12
N THR B 97 20.55 -15.92 11.21
CA THR B 97 21.88 -16.43 10.95
C THR B 97 22.43 -15.79 9.67
N PRO B 98 23.68 -15.33 9.66
CA PRO B 98 24.19 -14.57 8.50
C PRO B 98 24.19 -15.40 7.23
N PRO B 99 24.22 -14.75 6.06
CA PRO B 99 24.02 -15.48 4.80
C PRO B 99 25.21 -16.34 4.46
N PRO B 100 24.97 -17.53 3.90
CA PRO B 100 26.08 -18.40 3.49
C PRO B 100 26.82 -17.80 2.30
N VAL B 101 28.15 -17.82 2.38
CA VAL B 101 28.97 -17.27 1.31
C VAL B 101 28.64 -17.99 0.00
N ASN B 102 28.21 -17.24 -1.00
CA ASN B 102 27.80 -17.78 -2.27
C ASN B 102 28.80 -17.40 -3.36
N GLU B 103 28.90 -18.24 -4.38
CA GLU B 103 29.94 -18.08 -5.38
C GLU B 103 29.44 -17.89 -6.80
N ASN B 104 28.27 -18.43 -7.16
CA ASN B 104 27.80 -18.33 -8.55
C ASN B 104 26.95 -17.07 -8.67
N VAL B 105 27.58 -15.99 -9.12
CA VAL B 105 26.89 -14.72 -9.35
C VAL B 105 27.37 -14.19 -10.69
N ASN B 106 27.67 -15.09 -11.63
CA ASN B 106 28.10 -14.66 -12.96
C ASN B 106 27.07 -13.78 -13.65
N HIS B 107 25.95 -14.39 -14.06
CA HIS B 107 24.92 -13.65 -14.78
C HIS B 107 24.39 -12.49 -13.93
N PRO B 108 24.14 -11.32 -14.54
CA PRO B 108 23.56 -10.19 -13.80
C PRO B 108 22.31 -10.52 -13.03
N PHE B 109 21.44 -11.40 -13.55
CA PHE B 109 20.23 -11.77 -12.81
C PHE B 109 20.59 -12.46 -11.51
N PHE B 111 23.57 -12.15 -9.81
CA PHE B 111 24.14 -11.20 -8.88
C PHE B 111 23.05 -10.32 -8.26
N LEU B 112 22.09 -9.85 -9.07
CA LEU B 112 21.02 -9.02 -8.52
C LEU B 112 20.33 -9.72 -7.35
N ALA B 113 19.91 -10.97 -7.56
CA ALA B 113 19.18 -11.70 -6.53
C ALA B 113 20.07 -12.02 -5.33
N ALA B 114 21.31 -12.45 -5.58
CA ALA B 114 22.21 -12.81 -4.48
C ALA B 114 22.59 -11.59 -3.64
N HIS B 115 22.89 -10.47 -4.30
CA HIS B 115 23.22 -9.25 -3.58
C HIS B 115 22.04 -8.74 -2.76
N LEU B 116 20.85 -8.69 -3.36
CA LEU B 116 19.70 -8.21 -2.57
C LEU B 116 19.36 -9.19 -1.47
N GLY B 117 19.39 -10.48 -1.75
CA GLY B 117 19.13 -11.48 -0.72
C GLY B 117 20.07 -11.37 0.48
N GLU B 118 21.37 -11.26 0.23
CA GLU B 118 22.30 -11.31 1.36
C GLU B 118 22.43 -10.00 2.10
N THR B 119 22.00 -8.87 1.50
CA THR B 119 22.05 -7.58 2.17
C THR B 119 20.72 -7.17 2.77
N HIS B 120 19.71 -8.03 2.70
CA HIS B 120 18.37 -7.68 3.18
C HIS B 120 18.41 -7.17 4.61
N ASP B 121 19.09 -7.88 5.50
CA ASP B 121 19.13 -7.49 6.90
C ASP B 121 19.91 -6.19 7.10
N ILE B 122 20.91 -5.94 6.25
CA ILE B 122 21.66 -4.69 6.29
C ILE B 122 20.77 -3.52 5.91
N TRP B 123 19.92 -3.70 4.89
CA TRP B 123 18.99 -2.63 4.51
C TRP B 123 18.00 -2.34 5.63
N HIS B 124 17.58 -3.38 6.37
CA HIS B 124 16.78 -3.17 7.57
C HIS B 124 17.45 -2.18 8.50
N VAL B 125 18.73 -2.42 8.79
CA VAL B 125 19.47 -1.61 9.75
C VAL B 125 19.70 -0.21 9.20
N VAL B 126 20.14 -0.11 7.95
CA VAL B 126 20.52 1.20 7.41
C VAL B 126 19.29 2.09 7.20
N THR B 127 18.16 1.52 6.76
CA THR B 127 16.97 2.35 6.63
C THR B 127 16.25 2.60 7.95
N GLY B 128 16.68 1.98 9.05
CA GLY B 128 15.96 2.11 10.31
C GLY B 128 14.61 1.42 10.41
N CYS B 129 14.32 0.42 9.56
CA CYS B 129 13.05 -0.30 9.59
C CYS B 129 13.09 -1.45 10.61
N ASP B 130 12.16 -1.44 11.57
CA ASP B 130 12.01 -2.53 12.54
C ASP B 130 11.56 -3.82 11.84
N THR B 131 11.69 -4.95 12.53
CA THR B 131 11.32 -6.23 11.96
C THR B 131 9.91 -6.67 12.36
N ASP B 132 9.16 -5.81 13.03
CA ASP B 132 7.75 -6.12 13.22
C ASP B 132 7.02 -6.00 11.88
N LYS B 133 5.73 -6.32 11.89
CA LYS B 133 4.96 -6.29 10.63
C LYS B 133 4.95 -4.92 9.96
N PRO B 134 4.68 -3.81 10.64
CA PRO B 134 4.75 -2.52 9.92
C PRO B 134 6.14 -2.17 9.42
N GLY B 135 7.19 -2.64 10.10
CA GLY B 135 8.54 -2.40 9.61
C GLY B 135 8.88 -3.19 8.36
N GLU B 136 8.37 -4.41 8.25
CA GLU B 136 8.59 -5.17 7.01
C GLU B 136 7.89 -4.52 5.83
N VAL B 137 6.65 -4.05 6.05
CA VAL B 137 5.94 -3.32 5.00
C VAL B 137 6.70 -2.04 4.63
N LYS B 138 7.20 -1.33 5.63
CA LYS B 138 7.98 -0.12 5.36
C LYS B 138 9.20 -0.42 4.49
N LEU B 139 9.97 -1.46 4.82
CA LEU B 139 11.13 -1.84 4.01
C LEU B 139 10.72 -2.27 2.60
N GLU B 140 9.56 -2.95 2.46
CA GLU B 140 9.11 -3.36 1.12
C GLU B 140 8.73 -2.15 0.26
N ALA B 141 8.11 -1.15 0.87
CA ALA B 141 7.84 0.09 0.13
C ALA B 141 9.13 0.79 -0.25
N PHE B 142 10.12 0.78 0.66
CA PHE B 142 11.45 1.29 0.33
C PHE B 142 12.04 0.56 -0.89
N TYR B 143 12.05 -0.79 -0.86
CA TYR B 143 12.49 -1.55 -2.04
C TYR B 143 11.71 -1.14 -3.30
N THR B 144 10.39 -1.02 -3.19
CA THR B 144 9.57 -0.71 -4.37
C THR B 144 10.03 0.58 -5.03
N ALA B 145 10.35 1.60 -4.22
CA ALA B 145 10.83 2.88 -4.73
C ALA B 145 12.18 2.76 -5.43
N GLN B 146 13.05 1.87 -4.96
CA GLN B 146 14.41 1.82 -5.47
C GLN B 146 14.61 0.84 -6.61
N LEU B 147 13.72 -0.15 -6.78
CA LEU B 147 13.93 -1.23 -7.75
C LEU B 147 12.95 -1.17 -8.93
N ILE B 148 12.35 -0.01 -9.19
CA ILE B 148 11.46 0.19 -10.33
C ILE B 148 12.19 -0.27 -11.58
N PRO B 149 11.59 -1.06 -12.49
CA PRO B 149 10.20 -1.54 -12.54
C PRO B 149 9.97 -2.98 -12.06
N ASP B 150 10.61 -3.36 -10.95
CA ASP B 150 10.36 -4.65 -10.32
C ASP B 150 8.88 -4.83 -9.99
N ARG B 151 8.42 -6.07 -9.97
CA ARG B 151 7.04 -6.38 -9.60
C ARG B 151 6.90 -7.06 -8.26
N LEU B 152 7.95 -7.71 -7.77
CA LEU B 152 7.83 -8.55 -6.58
C LEU B 152 7.44 -7.73 -5.35
N PHE B 153 8.15 -6.63 -5.10
CA PHE B 153 7.91 -5.91 -3.84
C PHE B 153 6.55 -5.23 -3.83
N LEU B 154 6.08 -4.74 -4.97
CA LEU B 154 4.70 -4.28 -5.07
C LEU B 154 3.72 -5.38 -4.63
N ALA B 155 3.92 -6.60 -5.14
CA ALA B 155 3.01 -7.70 -4.79
C ALA B 155 3.13 -8.10 -3.32
N LEU B 156 4.31 -7.95 -2.74
CA LEU B 156 4.49 -8.21 -1.30
C LEU B 156 3.76 -7.16 -0.48
N LEU B 157 3.77 -5.90 -0.93
CA LEU B 157 2.92 -4.89 -0.30
C LEU B 157 1.46 -5.35 -0.32
N ALA B 158 0.98 -5.77 -1.48
CA ALA B 158 -0.42 -6.20 -1.62
C ALA B 158 -0.75 -7.33 -0.68
N LYS B 159 0.11 -8.34 -0.64
CA LYS B 159 -0.14 -9.51 0.20
C LYS B 159 -0.27 -9.10 1.67
N ASN B 160 0.56 -8.14 2.11
CA ASN B 160 0.51 -7.73 3.51
C ASN B 160 -0.69 -6.83 3.81
N LEU B 161 -1.13 -6.05 2.82
CA LEU B 161 -2.35 -5.29 3.03
C LEU B 161 -3.55 -6.21 3.14
N LEU B 162 -3.62 -7.24 2.29
CA LEU B 162 -4.75 -8.17 2.38
C LEU B 162 -4.70 -8.96 3.68
N LYS B 163 -3.52 -9.42 4.05
CA LYS B 163 -3.36 -10.15 5.30
C LYS B 163 -3.81 -9.28 6.48
N THR B 164 -3.48 -7.99 6.44
CA THR B 164 -3.91 -7.09 7.50
C THR B 164 -5.43 -6.96 7.52
N ALA B 165 -6.05 -6.74 6.35
CA ALA B 165 -7.50 -6.57 6.25
C ALA B 165 -8.24 -7.82 6.72
N TYR B 167 -6.98 -10.66 8.66
CA TYR B 167 -6.64 -11.33 9.91
C TYR B 167 -6.36 -10.39 11.07
N GLU B 168 -6.01 -9.13 10.80
CA GLU B 168 -5.51 -8.29 11.87
C GLU B 168 -5.70 -6.82 11.54
N VAL B 169 -6.94 -6.41 11.31
CA VAL B 169 -7.17 -5.07 10.80
C VAL B 169 -6.85 -4.01 11.84
N GLU B 170 -6.70 -4.38 13.13
CA GLU B 170 -6.26 -3.38 14.11
C GLU B 170 -4.90 -2.79 13.76
N LEU B 171 -4.11 -3.46 12.92
CA LEU B 171 -2.80 -2.96 12.53
C LEU B 171 -2.85 -1.99 11.35
N CYS B 172 -4.04 -1.69 10.84
CA CYS B 172 -4.19 -0.94 9.59
C CYS B 172 -3.40 0.38 9.57
N GLU B 173 -3.59 1.22 10.58
CA GLU B 173 -2.92 2.52 10.59
C GLU B 173 -1.40 2.38 10.64
N GLN B 174 -0.89 1.51 11.50
CA GLN B 174 0.55 1.29 11.59
C GLN B 174 1.11 0.70 10.29
N ILE B 175 0.35 -0.17 9.62
CA ILE B 175 0.79 -0.76 8.36
C ILE B 175 0.84 0.29 7.26
N LEU B 176 -0.21 1.10 7.12
CA LEU B 176 -0.17 2.10 6.05
C LEU B 176 0.76 3.27 6.39
N ASP B 177 0.91 3.61 7.67
CA ASP B 177 1.95 4.58 8.07
C ASP B 177 3.34 4.08 7.67
N GLY B 178 3.61 2.78 7.89
CA GLY B 178 4.89 2.21 7.48
C GLY B 178 5.08 2.22 5.98
N LEU B 179 4.08 1.74 5.23
CA LEU B 179 4.18 1.74 3.78
C LEU B 179 4.46 3.14 3.26
N THR B 180 3.67 4.10 3.73
CA THR B 180 3.80 5.51 3.34
C THR B 180 5.19 6.07 3.64
N GLN B 181 5.70 5.79 4.83
CA GLN B 181 7.04 6.27 5.20
C GLN B 181 8.13 5.63 4.35
N GLY B 182 8.03 4.33 4.08
CA GLY B 182 9.10 3.67 3.36
C GLY B 182 9.10 4.05 1.90
N TRP B 183 7.93 4.33 1.35
CA TRP B 183 7.84 4.81 -0.03
C TRP B 183 8.55 6.13 -0.18
N GLY B 186 12.18 5.87 0.44
CA GLY B 186 12.83 5.17 -0.65
C GLY B 186 13.08 6.05 -1.86
N LYS B 187 12.14 6.97 -2.15
CA LYS B 187 12.33 7.91 -3.26
C LYS B 187 13.39 8.95 -2.95
N ARG B 188 13.50 9.33 -1.68
CA ARG B 188 14.40 10.41 -1.30
C ARG B 188 15.84 9.94 -1.12
N ALA B 189 16.04 8.70 -0.69
CA ALA B 189 17.36 8.19 -0.40
C ALA B 189 18.15 7.95 -1.68
N LYS B 190 19.47 7.95 -1.54
CA LYS B 190 20.33 7.50 -2.62
C LYS B 190 20.12 6.00 -2.84
N PRO B 191 20.51 5.48 -4.00
CA PRO B 191 20.43 4.02 -4.21
C PRO B 191 21.28 3.26 -3.22
N LEU B 192 20.71 2.23 -2.61
CA LEU B 192 21.49 1.34 -1.77
C LEU B 192 22.09 0.18 -2.55
N PHE B 193 21.62 -0.07 -3.77
CA PHE B 193 22.10 -1.22 -4.52
C PHE B 193 23.57 -1.07 -4.89
N GLY B 194 24.35 -2.12 -4.70
CA GLY B 194 25.73 -2.13 -5.14
C GLY B 194 26.75 -1.73 -4.09
N ILE B 195 26.32 -1.14 -2.98
CA ILE B 195 27.24 -0.73 -1.93
C ILE B 195 27.99 -1.95 -1.39
N GLU B 196 29.29 -1.76 -1.13
CA GLU B 196 30.17 -2.79 -0.54
C GLU B 196 30.16 -2.63 0.98
N TRP B 197 29.16 -3.23 1.61
CA TRP B 197 28.94 -2.99 3.02
C TRP B 197 30.11 -3.48 3.89
N ASN B 198 30.84 -4.53 3.47
CA ASN B 198 31.86 -5.04 4.38
C ASN B 198 33.06 -4.10 4.51
N LYS B 199 33.07 -2.99 3.77
CA LYS B 199 34.07 -1.95 3.99
C LYS B 199 33.55 -0.83 4.89
N LEU B 200 32.31 -0.91 5.37
CA LEU B 200 31.68 0.16 6.12
C LEU B 200 31.34 -0.23 7.55
N TRP B 201 31.83 -1.38 8.03
CA TRP B 201 31.41 -1.88 9.34
C TRP B 201 31.73 -0.89 10.47
N GLU B 202 32.83 -0.15 10.34
CA GLU B 202 33.24 0.77 11.40
C GLU B 202 32.76 2.20 11.18
N THR B 203 31.95 2.42 10.15
CA THR B 203 31.33 3.72 9.91
C THR B 203 30.13 3.91 10.84
N PRO B 204 30.02 5.07 11.48
CA PRO B 204 28.86 5.34 12.35
C PRO B 204 27.57 5.34 11.56
N LEU B 205 26.58 4.61 12.07
CA LEU B 205 25.34 4.41 11.31
C LEU B 205 24.66 5.73 10.93
N GLU B 206 24.60 6.68 11.88
CA GLU B 206 23.86 7.91 11.62
C GLU B 206 24.50 8.72 10.51
N GLU B 207 25.84 8.75 10.47
CA GLU B 207 26.54 9.47 9.41
C GLU B 207 26.36 8.77 8.08
N LEU B 208 26.36 7.44 8.10
CA LEU B 208 26.06 6.66 6.91
C LEU B 208 24.65 6.96 6.41
N GLN B 209 23.69 7.09 7.32
CA GLN B 209 22.33 7.40 6.88
C GLN B 209 22.26 8.79 6.26
N THR B 210 22.91 9.76 6.91
CA THR B 210 22.96 11.13 6.40
C THR B 210 23.56 11.18 5.01
N SER B 211 24.68 10.48 4.80
CA SER B 211 25.30 10.49 3.48
C SER B 211 24.47 9.75 2.43
N LEU B 212 23.57 8.85 2.85
CA LEU B 212 22.64 8.18 1.95
C LEU B 212 21.31 8.94 1.82
N ASN B 213 21.20 10.12 2.42
CA ASN B 213 19.95 10.89 2.43
C ASN B 213 18.80 10.09 3.02
N ILE B 214 19.08 9.32 4.07
CA ILE B 214 18.04 8.64 4.82
C ILE B 214 17.80 9.44 6.10
N VAL B 215 16.54 9.82 6.34
CA VAL B 215 16.22 10.59 7.55
C VAL B 215 15.27 9.78 8.44
N PRO B 216 15.79 8.94 9.36
CA PRO B 216 14.93 8.13 10.22
C PRO B 216 14.32 8.93 11.37
#